data_3P2Z
#
_entry.id   3P2Z
#
_cell.length_a   34.412
_cell.length_b   66.863
_cell.length_c   43.427
_cell.angle_alpha   90.00
_cell.angle_beta   94.12
_cell.angle_gamma   90.00
#
_symmetry.space_group_name_H-M   'P 1 21 1'
#
loop_
_entity.id
_entity.type
_entity.pdbx_description
1 polymer 'Serine/threonine-protein kinase PLK1'
2 polymer phosphopeptide
3 non-polymer GLYCEROL
4 water water
#
loop_
_entity_poly.entity_id
_entity_poly.type
_entity_poly.pdbx_seq_one_letter_code
_entity_poly.pdbx_strand_id
1 'polypeptide(L)'
;GPLGSPEFDCHLSDMLQQLHSVNASKPSERGLVRQEEAEDPACIPIFWVSKWVDYSDKYGLGYQLCDNSVGVLFNDSTRL
ILYNDGDSLQYIERDGTESYLTVSSHPNSLMKKITLLKYFRNYMSEHLLKAGANITPREGDELARLPYLRTWFRTRSAII
LHLSNGSVQINFFQDHTKLILCPLMAAVTYIDEKRDFRTYRLSLLEEYGCCKELASRLRYARTMVDKLLSSR
;
A
2 'polypeptide(L)' (ACE)PLHS(TPO)A(NH2) B
#
loop_
_chem_comp.id
_chem_comp.type
_chem_comp.name
_chem_comp.formula
ACE non-polymer 'ACETYL GROUP' 'C2 H4 O'
GOL non-polymer GLYCEROL 'C3 H8 O3'
NH2 non-polymer 'AMINO GROUP' 'H2 N'
#
# COMPACT_ATOMS: atom_id res chain seq x y z
N SER A 5 -18.48 5.22 4.82
CA SER A 5 -19.05 3.87 4.54
C SER A 5 -18.17 2.75 5.10
N PRO A 6 -18.80 1.77 5.79
CA PRO A 6 -18.09 0.61 6.31
C PRO A 6 -18.09 -0.58 5.34
N GLU A 7 -18.37 -0.30 4.06
CA GLU A 7 -18.43 -1.34 3.04
C GLU A 7 -17.06 -1.96 2.76
N PHE A 8 -16.04 -1.11 2.59
CA PHE A 8 -14.66 -1.54 2.35
C PHE A 8 -14.16 -2.52 3.42
N ASP A 9 -14.37 -2.16 4.69
CA ASP A 9 -13.93 -2.98 5.82
C ASP A 9 -14.72 -4.29 5.93
N CYS A 10 -15.99 -4.24 5.50
CA CYS A 10 -16.82 -5.45 5.44
C CYS A 10 -16.35 -6.39 4.32
N HIS A 11 -15.96 -5.81 3.18
CA HIS A 11 -15.34 -6.57 2.10
C HIS A 11 -14.02 -7.16 2.57
N LEU A 12 -13.29 -6.40 3.37
CA LEU A 12 -12.02 -6.85 3.96
C LEU A 12 -12.25 -7.99 4.95
N SER A 13 -13.31 -7.89 5.74
CA SER A 13 -13.68 -8.96 6.67
CA SER A 13 -13.71 -8.95 6.67
C SER A 13 -14.15 -10.20 5.92
N ASP A 14 -14.81 -9.99 4.78
CA ASP A 14 -15.25 -11.09 3.90
C ASP A 14 -14.04 -11.82 3.30
N MET A 15 -13.02 -11.05 2.92
CA MET A 15 -11.77 -11.60 2.40
C MET A 15 -11.03 -12.38 3.48
N LEU A 16 -11.01 -11.82 4.69
CA LEU A 16 -10.44 -12.49 5.85
C LEU A 16 -11.10 -13.85 6.08
N GLN A 17 -12.42 -13.89 5.95
CA GLN A 17 -13.19 -15.13 6.05
C GLN A 17 -12.76 -16.14 4.99
N GLN A 18 -12.53 -15.66 3.77
CA GLN A 18 -12.10 -16.48 2.64
C GLN A 18 -10.70 -17.06 2.87
N LEU A 19 -9.79 -16.21 3.36
CA LEU A 19 -8.42 -16.64 3.69
C LEU A 19 -8.39 -17.78 4.72
N HIS A 20 -9.34 -17.76 5.66
CA HIS A 20 -9.46 -18.83 6.66
C HIS A 20 -9.82 -20.18 6.05
N SER A 21 -10.48 -20.15 4.89
CA SER A 21 -10.87 -21.36 4.19
C SER A 21 -9.78 -21.86 3.25
N VAL A 22 -8.82 -20.98 2.94
CA VAL A 22 -7.69 -21.30 2.08
C VAL A 22 -6.64 -22.13 2.84
N GLU A 37 -2.12 -23.35 -10.86
CA GLU A 37 -3.26 -23.18 -11.76
C GLU A 37 -4.34 -22.26 -11.17
N ALA A 38 -3.99 -21.59 -10.07
CA ALA A 38 -4.90 -20.63 -9.44
C ALA A 38 -4.60 -19.19 -9.87
N GLU A 39 -3.61 -19.05 -10.77
CA GLU A 39 -3.21 -17.74 -11.28
C GLU A 39 -4.21 -17.18 -12.28
N ASP A 40 -4.41 -15.87 -12.24
CA ASP A 40 -5.31 -15.18 -13.16
C ASP A 40 -4.82 -13.74 -13.42
N PRO A 41 -4.33 -13.45 -14.63
CA PRO A 41 -3.84 -12.11 -14.95
C PRO A 41 -4.92 -11.03 -14.98
N ALA A 42 -6.19 -11.42 -15.10
CA ALA A 42 -7.31 -10.47 -15.06
C ALA A 42 -7.46 -9.83 -13.67
N CYS A 43 -6.83 -10.44 -12.67
CA CYS A 43 -6.90 -9.98 -11.29
C CYS A 43 -5.69 -9.14 -10.85
N ILE A 44 -4.79 -8.83 -11.78
CA ILE A 44 -3.58 -8.06 -11.47
C ILE A 44 -3.94 -6.68 -10.89
N PRO A 45 -3.33 -6.31 -9.74
CA PRO A 45 -3.61 -5.02 -9.11
C PRO A 45 -3.13 -3.83 -9.96
N ILE A 46 -3.82 -2.70 -9.81
CA ILE A 46 -3.41 -1.48 -10.50
C ILE A 46 -2.54 -0.62 -9.58
N PHE A 47 -2.86 -0.61 -8.28
CA PHE A 47 -2.08 0.14 -7.29
C PHE A 47 -1.47 -0.70 -6.18
N TRP A 48 -0.21 -0.41 -5.89
CA TRP A 48 0.48 -0.94 -4.71
C TRP A 48 1.55 0.05 -4.26
N VAL A 49 2.10 -0.18 -3.08
CA VAL A 49 3.18 0.67 -2.55
C VAL A 49 4.52 0.15 -3.08
N SER A 50 5.22 0.99 -3.82
CA SER A 50 6.50 0.59 -4.40
C SER A 50 7.70 1.00 -3.54
N LYS A 51 7.55 2.05 -2.75
CA LYS A 51 8.60 2.55 -1.86
C LYS A 51 7.98 3.15 -0.60
N TRP A 52 8.71 3.11 0.52
CA TRP A 52 8.26 3.76 1.75
C TRP A 52 9.42 4.18 2.65
N VAL A 53 9.21 5.27 3.40
CA VAL A 53 10.16 5.70 4.41
CA VAL A 53 10.16 5.73 4.41
C VAL A 53 9.43 5.99 5.73
N ASP A 54 9.96 5.43 6.81
CA ASP A 54 9.35 5.57 8.12
C ASP A 54 10.08 6.64 8.95
N TYR A 55 9.53 7.85 8.94
CA TYR A 55 10.00 8.95 9.79
C TYR A 55 8.96 9.24 10.88
N SER A 56 8.35 8.18 11.40
CA SER A 56 7.19 8.33 12.31
C SER A 56 7.53 8.84 13.72
N ASP A 57 8.81 8.96 14.03
CA ASP A 57 9.20 9.52 15.33
C ASP A 57 8.86 11.00 15.44
N LYS A 58 8.97 11.72 14.33
CA LYS A 58 8.83 13.18 14.30
C LYS A 58 7.85 13.68 13.25
N TYR A 59 7.79 12.99 12.11
CA TYR A 59 7.11 13.54 10.93
C TYR A 59 5.95 12.69 10.43
N GLY A 60 6.22 11.42 10.10
CA GLY A 60 5.19 10.52 9.61
C GLY A 60 5.72 9.47 8.66
N LEU A 61 4.82 8.86 7.90
CA LEU A 61 5.23 7.84 6.94
C LEU A 61 5.03 8.31 5.50
N GLY A 62 6.13 8.37 4.77
CA GLY A 62 6.11 8.73 3.35
C GLY A 62 6.13 7.47 2.50
N TYR A 63 5.46 7.51 1.36
CA TYR A 63 5.39 6.35 0.47
C TYR A 63 5.30 6.74 -1.00
N GLN A 64 5.73 5.83 -1.86
CA GLN A 64 5.52 5.96 -3.30
C GLN A 64 4.57 4.86 -3.77
N LEU A 65 3.58 5.24 -4.57
CA LEU A 65 2.74 4.25 -5.24
C LEU A 65 3.34 3.93 -6.60
N CYS A 66 2.93 2.81 -7.18
CA CYS A 66 3.54 2.27 -8.38
C CYS A 66 3.36 3.15 -9.63
N ASP A 67 2.49 4.16 -9.54
CA ASP A 67 2.29 5.12 -10.63
C ASP A 67 3.26 6.30 -10.50
N ASN A 68 4.15 6.24 -9.51
CA ASN A 68 5.13 7.30 -9.18
C ASN A 68 4.57 8.47 -8.37
N SER A 69 3.29 8.39 -7.99
CA SER A 69 2.73 9.37 -7.07
C SER A 69 3.32 9.14 -5.68
N VAL A 70 3.42 10.21 -4.91
CA VAL A 70 3.97 10.12 -3.55
CA VAL A 70 4.01 10.17 -3.57
C VAL A 70 2.98 10.66 -2.54
N GLY A 71 2.91 9.99 -1.40
CA GLY A 71 2.02 10.41 -0.32
C GLY A 71 2.73 10.41 1.02
N VAL A 72 2.17 11.18 1.96
CA VAL A 72 2.61 11.14 3.34
C VAL A 72 1.39 11.06 4.24
N LEU A 73 1.46 10.14 5.21
CA LEU A 73 0.51 10.14 6.31
C LEU A 73 1.26 10.68 7.52
N PHE A 74 1.00 11.95 7.83
CA PHE A 74 1.69 12.67 8.89
C PHE A 74 1.24 12.21 10.28
N ASN A 75 2.07 12.48 11.28
CA ASN A 75 1.78 12.13 12.67
C ASN A 75 0.49 12.77 13.20
N ASP A 76 0.16 13.97 12.69
CA ASP A 76 -1.06 14.66 13.09
C ASP A 76 -2.34 14.16 12.36
N SER A 77 -2.21 13.01 11.70
CA SER A 77 -3.30 12.34 10.99
C SER A 77 -3.83 13.07 9.74
N THR A 78 -3.05 14.02 9.25
CA THR A 78 -3.34 14.66 7.97
C THR A 78 -2.55 13.98 6.85
N ARG A 79 -3.03 14.12 5.62
CA ARG A 79 -2.41 13.46 4.48
C ARG A 79 -2.15 14.44 3.35
N LEU A 80 -0.98 14.32 2.75
CA LEU A 80 -0.63 15.10 1.57
C LEU A 80 -0.22 14.15 0.46
N ILE A 81 -0.80 14.35 -0.72
CA ILE A 81 -0.60 13.46 -1.86
C ILE A 81 -0.10 14.27 -3.05
N LEU A 82 1.03 13.85 -3.62
CA LEU A 82 1.55 14.45 -4.85
C LEU A 82 1.28 13.52 -6.03
N TYR A 83 0.52 14.01 -7.01
CA TYR A 83 0.21 13.25 -8.22
C TYR A 83 1.50 12.99 -9.02
N ASN A 84 1.46 12.03 -9.94
CA ASN A 84 2.66 11.70 -10.73
C ASN A 84 3.07 12.76 -11.77
N ASP A 85 2.26 13.80 -11.89
CA ASP A 85 2.64 14.97 -12.70
C ASP A 85 3.68 15.83 -11.97
N GLY A 86 3.97 15.45 -10.73
CA GLY A 86 4.99 16.10 -9.90
C GLY A 86 4.67 17.51 -9.44
N ASP A 87 3.42 17.92 -9.60
CA ASP A 87 3.02 19.29 -9.30
C ASP A 87 1.72 19.38 -8.50
N SER A 88 0.74 18.55 -8.87
CA SER A 88 -0.59 18.58 -8.25
C SER A 88 -0.57 17.94 -6.87
N LEU A 89 -1.24 18.59 -5.93
CA LEU A 89 -1.32 18.12 -4.54
C LEU A 89 -2.76 18.06 -4.03
N GLN A 90 -3.10 16.96 -3.36
CA GLN A 90 -4.32 16.93 -2.54
C GLN A 90 -3.94 16.87 -1.07
N TYR A 91 -4.62 17.68 -0.27
CA TYR A 91 -4.45 17.68 1.17
C TYR A 91 -5.72 17.19 1.83
N ILE A 92 -5.60 16.23 2.74
CA ILE A 92 -6.75 15.71 3.46
C ILE A 92 -6.59 15.96 4.95
N GLU A 93 -7.48 16.79 5.49
CA GLU A 93 -7.48 17.11 6.92
C GLU A 93 -8.06 15.93 7.72
N ARG A 94 -7.89 15.97 9.04
CA ARG A 94 -8.28 14.85 9.89
C ARG A 94 -9.75 14.45 9.75
N ASP A 95 -10.64 15.45 9.67
CA ASP A 95 -12.08 15.22 9.56
C ASP A 95 -12.48 14.74 8.16
N GLY A 96 -11.50 14.65 7.26
CA GLY A 96 -11.72 14.15 5.90
C GLY A 96 -11.90 15.24 4.85
N THR A 97 -11.82 16.50 5.28
CA THR A 97 -11.95 17.63 4.37
C THR A 97 -10.80 17.61 3.36
N GLU A 98 -11.16 17.63 2.08
CA GLU A 98 -10.19 17.56 1.00
C GLU A 98 -10.01 18.92 0.35
N SER A 99 -8.76 19.27 0.09
CA SER A 99 -8.43 20.51 -0.62
C SER A 99 -7.36 20.21 -1.66
N TYR A 100 -7.29 21.06 -2.68
CA TYR A 100 -6.33 20.87 -3.77
CA TYR A 100 -6.35 20.88 -3.79
C TYR A 100 -5.47 22.10 -3.97
N LEU A 101 -4.21 21.86 -4.34
CA LEU A 101 -3.20 22.89 -4.50
C LEU A 101 -2.09 22.37 -5.41
N THR A 102 -1.06 23.19 -5.61
CA THR A 102 0.12 22.78 -6.39
C THR A 102 1.41 23.19 -5.68
N VAL A 103 2.52 22.58 -6.11
CA VAL A 103 3.87 22.93 -5.66
C VAL A 103 4.12 24.44 -5.69
N SER A 104 3.69 25.09 -6.77
CA SER A 104 3.94 26.51 -6.96
C SER A 104 2.90 27.44 -6.33
N SER A 105 1.70 26.90 -6.09
CA SER A 105 0.60 27.68 -5.53
C SER A 105 -0.01 26.96 -4.32
N HIS A 106 0.39 27.41 -3.12
CA HIS A 106 0.01 26.75 -1.88
C HIS A 106 -0.09 27.72 -0.69
N PRO A 107 -0.92 27.37 0.31
CA PRO A 107 -0.98 28.15 1.55
C PRO A 107 0.32 28.03 2.35
N ASN A 108 0.65 29.09 3.09
CA ASN A 108 1.88 29.13 3.88
C ASN A 108 1.93 28.10 4.99
N SER A 109 0.77 27.80 5.58
CA SER A 109 0.65 26.83 6.64
C SER A 109 1.06 25.41 6.22
N LEU A 110 1.05 25.15 4.91
CA LEU A 110 1.39 23.85 4.36
C LEU A 110 2.85 23.74 3.91
N MET A 111 3.62 24.81 4.05
CA MET A 111 5.01 24.84 3.61
C MET A 111 5.86 23.70 4.18
N LYS A 112 5.76 23.48 5.49
CA LYS A 112 6.56 22.44 6.16
C LYS A 112 6.20 21.04 5.67
N LYS A 113 4.90 20.76 5.58
CA LYS A 113 4.42 19.47 5.08
C LYS A 113 4.83 19.22 3.61
N ILE A 114 4.78 20.27 2.79
CA ILE A 114 5.24 20.18 1.39
C ILE A 114 6.74 19.92 1.33
N THR A 115 7.49 20.63 2.18
CA THR A 115 8.94 20.46 2.30
C THR A 115 9.30 19.02 2.65
N LEU A 116 8.58 18.45 3.62
CA LEU A 116 8.79 17.08 4.06
C LEU A 116 8.45 16.06 2.97
N LEU A 117 7.34 16.26 2.28
CA LEU A 117 6.95 15.39 1.17
C LEU A 117 8.03 15.36 0.09
N LYS A 118 8.56 16.54 -0.26
CA LYS A 118 9.62 16.63 -1.27
C LYS A 118 10.92 15.98 -0.80
N TYR A 119 11.24 16.10 0.49
CA TYR A 119 12.37 15.38 1.07
C TYR A 119 12.19 13.87 0.95
N PHE A 120 10.99 13.37 1.28
CA PHE A 120 10.73 11.94 1.22
C PHE A 120 10.80 11.45 -0.22
N ARG A 121 10.18 12.20 -1.12
CA ARG A 121 10.21 11.93 -2.56
C ARG A 121 11.65 11.79 -3.07
N ASN A 122 12.51 12.75 -2.73
CA ASN A 122 13.92 12.73 -3.13
CA ASN A 122 13.92 12.73 -3.13
C ASN A 122 14.66 11.51 -2.60
N TYR A 123 14.46 11.19 -1.32
CA TYR A 123 15.11 10.03 -0.71
C TYR A 123 14.73 8.74 -1.41
N MET A 124 13.43 8.54 -1.65
CA MET A 124 12.94 7.33 -2.29
C MET A 124 13.44 7.19 -3.72
N SER A 125 13.41 8.32 -4.44
CA SER A 125 13.90 8.39 -5.81
C SER A 125 15.40 8.10 -5.92
N GLU A 126 16.17 8.66 -4.99
CA GLU A 126 17.63 8.54 -5.02
C GLU A 126 18.12 7.14 -4.61
N HIS A 127 17.49 6.57 -3.59
CA HIS A 127 18.08 5.41 -2.89
C HIS A 127 17.34 4.09 -3.01
N LEU A 128 16.04 4.14 -3.24
CA LEU A 128 15.21 2.95 -3.03
C LEU A 128 14.73 2.27 -4.32
N LEU A 129 14.61 0.94 -4.25
CA LEU A 129 14.09 0.12 -5.35
C LEU A 129 12.59 0.26 -5.50
N LYS A 130 12.12 0.23 -6.74
CA LYS A 130 10.69 0.27 -7.00
C LYS A 130 10.11 -1.15 -6.96
N ALA A 131 9.36 -1.46 -5.92
CA ALA A 131 8.74 -2.77 -5.79
C ALA A 131 7.72 -2.99 -6.91
N GLY A 132 7.73 -4.18 -7.49
CA GLY A 132 6.81 -4.55 -8.56
C GLY A 132 6.98 -3.77 -9.85
N ALA A 133 8.20 -3.30 -10.10
CA ALA A 133 8.51 -2.53 -11.31
C ALA A 133 8.28 -3.34 -12.58
N ASN A 134 8.34 -4.67 -12.45
CA ASN A 134 8.13 -5.59 -13.58
C ASN A 134 6.70 -6.11 -13.73
N ILE A 135 5.80 -5.72 -12.83
CA ILE A 135 4.39 -6.12 -12.92
C ILE A 135 3.74 -5.47 -14.14
N THR A 136 3.19 -6.30 -15.02
CA THR A 136 2.63 -5.85 -16.30
C THR A 136 1.35 -5.02 -16.13
N PRO A 137 1.29 -3.85 -16.80
CA PRO A 137 0.15 -2.95 -16.69
C PRO A 137 -0.91 -3.21 -17.76
N ASP A 141 -7.50 -1.21 -18.58
CA ASP A 141 -8.85 -0.97 -19.04
C ASP A 141 -9.72 -0.36 -17.94
N GLU A 142 -9.89 -1.11 -16.84
CA GLU A 142 -10.70 -0.66 -15.70
C GLU A 142 -10.18 0.64 -15.09
N LEU A 143 -11.10 1.49 -14.65
CA LEU A 143 -10.77 2.81 -14.12
C LEU A 143 -9.82 2.75 -12.92
N ALA A 144 -8.68 3.43 -13.04
CA ALA A 144 -7.67 3.50 -11.99
C ALA A 144 -7.87 4.74 -11.13
N ARG A 145 -8.41 4.54 -9.93
CA ARG A 145 -8.63 5.65 -8.99
C ARG A 145 -7.59 5.68 -7.89
N LEU A 146 -6.85 6.79 -7.86
CA LEU A 146 -5.72 6.98 -6.95
C LEU A 146 -6.14 6.87 -5.48
N PRO A 147 -5.60 5.86 -4.76
CA PRO A 147 -5.89 5.72 -3.35
C PRO A 147 -4.88 6.47 -2.47
N TYR A 148 -5.17 6.56 -1.18
CA TYR A 148 -4.19 7.07 -0.21
C TYR A 148 -3.98 6.02 0.89
N LEU A 149 -2.96 6.22 1.72
CA LEU A 149 -2.70 5.31 2.82
C LEU A 149 -3.63 5.59 4.00
N ARG A 150 -4.56 4.67 4.24
CA ARG A 150 -5.54 4.81 5.31
C ARG A 150 -4.87 4.62 6.68
N THR A 151 -4.14 3.53 6.81
CA THR A 151 -3.35 3.28 8.02
C THR A 151 -2.21 2.31 7.73
N TRP A 152 -1.33 2.14 8.72
CA TRP A 152 -0.20 1.24 8.61
C TRP A 152 0.26 0.85 10.01
N PHE A 153 0.96 -0.28 10.10
CA PHE A 153 1.64 -0.69 11.34
C PHE A 153 2.76 -1.66 11.02
N ARG A 154 3.60 -1.92 12.02
CA ARG A 154 4.74 -2.80 11.84
C ARG A 154 4.77 -3.88 12.91
N THR A 155 5.36 -5.01 12.54
CA THR A 155 5.76 -6.05 13.50
C THR A 155 7.26 -6.25 13.33
N ARG A 156 7.82 -7.22 14.07
CA ARG A 156 9.22 -7.59 13.90
C ARG A 156 9.51 -8.10 12.49
N SER A 157 8.49 -8.73 11.88
CA SER A 157 8.64 -9.44 10.61
C SER A 157 8.19 -8.67 9.37
N ALA A 158 7.30 -7.69 9.54
CA ALA A 158 6.67 -7.05 8.39
C ALA A 158 6.14 -5.64 8.62
N ILE A 159 5.97 -4.90 7.53
CA ILE A 159 5.18 -3.67 7.51
C ILE A 159 3.85 -3.95 6.80
N ILE A 160 2.76 -3.46 7.39
CA ILE A 160 1.43 -3.69 6.86
C ILE A 160 0.84 -2.36 6.44
N LEU A 161 0.40 -2.28 5.19
CA LEU A 161 -0.05 -1.02 4.60
C LEU A 161 -1.49 -1.16 4.08
N HIS A 162 -2.39 -0.35 4.63
CA HIS A 162 -3.80 -0.42 4.29
C HIS A 162 -4.19 0.81 3.47
N LEU A 163 -4.51 0.58 2.20
CA LEU A 163 -4.90 1.65 1.27
C LEU A 163 -6.40 1.93 1.29
N SER A 164 -6.77 3.13 0.88
CA SER A 164 -8.18 3.58 0.90
C SER A 164 -9.10 2.85 -0.07
N ASN A 165 -8.52 2.13 -1.03
CA ASN A 165 -9.29 1.33 -1.98
C ASN A 165 -9.64 -0.07 -1.46
N GLY A 166 -9.23 -0.36 -0.23
CA GLY A 166 -9.51 -1.64 0.41
C GLY A 166 -8.31 -2.57 0.47
N SER A 167 -7.35 -2.36 -0.43
CA SER A 167 -6.17 -3.23 -0.55
C SER A 167 -5.29 -3.20 0.70
N VAL A 168 -4.75 -4.37 1.04
CA VAL A 168 -3.80 -4.52 2.15
C VAL A 168 -2.50 -5.10 1.62
N GLN A 169 -1.41 -4.38 1.83
CA GLN A 169 -0.10 -4.84 1.39
C GLN A 169 0.77 -5.19 2.59
N ILE A 170 1.43 -6.34 2.50
CA ILE A 170 2.33 -6.80 3.55
C ILE A 170 3.71 -7.07 2.95
N ASN A 171 4.71 -6.34 3.44
CA ASN A 171 6.10 -6.51 3.02
C ASN A 171 6.90 -7.20 4.12
N PHE A 172 7.48 -8.36 3.81
CA PHE A 172 8.30 -9.09 4.80
C PHE A 172 9.75 -8.63 4.76
N PHE A 173 10.29 -8.24 5.91
CA PHE A 173 11.64 -7.67 6.01
C PHE A 173 12.76 -8.64 5.65
N GLN A 174 12.62 -9.90 6.08
CA GLN A 174 13.72 -10.86 6.07
C GLN A 174 14.10 -11.40 4.68
N ASP A 175 13.10 -11.59 3.83
CA ASP A 175 13.31 -12.22 2.53
C ASP A 175 12.80 -11.38 1.37
N HIS A 176 12.34 -10.18 1.69
CA HIS A 176 11.84 -9.21 0.70
C HIS A 176 10.60 -9.68 -0.07
N THR A 177 9.95 -10.73 0.41
CA THR A 177 8.70 -11.19 -0.19
C THR A 177 7.54 -10.28 0.21
N LYS A 178 6.54 -10.18 -0.67
CA LYS A 178 5.46 -9.23 -0.49
C LYS A 178 4.12 -9.84 -0.89
N LEU A 179 3.06 -9.41 -0.19
CA LEU A 179 1.68 -9.77 -0.55
C LEU A 179 0.87 -8.51 -0.81
N ILE A 180 0.10 -8.53 -1.88
CA ILE A 180 -0.88 -7.47 -2.15
C ILE A 180 -2.27 -8.10 -2.18
N LEU A 181 -3.06 -7.79 -1.15
CA LEU A 181 -4.38 -8.37 -0.98
C LEU A 181 -5.48 -7.40 -1.43
N CYS A 182 -6.27 -7.83 -2.41
CA CYS A 182 -7.35 -7.00 -2.95
C CYS A 182 -8.72 -7.63 -2.68
N PRO A 183 -9.51 -7.01 -1.77
CA PRO A 183 -10.83 -7.53 -1.41
C PRO A 183 -11.87 -7.42 -2.54
N LEU A 184 -11.78 -6.36 -3.34
CA LEU A 184 -12.72 -6.13 -4.44
C LEU A 184 -12.56 -7.15 -5.57
N MET A 185 -11.31 -7.41 -5.95
CA MET A 185 -10.99 -8.42 -6.96
C MET A 185 -10.98 -9.84 -6.38
N ALA A 186 -11.08 -9.93 -5.05
CA ALA A 186 -10.94 -11.19 -4.33
C ALA A 186 -9.69 -11.95 -4.80
N ALA A 187 -8.55 -11.26 -4.71
CA ALA A 187 -7.30 -11.75 -5.27
C ALA A 187 -6.10 -11.46 -4.37
N VAL A 188 -5.03 -12.22 -4.55
CA VAL A 188 -3.77 -11.96 -3.88
C VAL A 188 -2.61 -12.01 -4.87
N THR A 189 -1.76 -11.00 -4.81
CA THR A 189 -0.53 -10.97 -5.59
C THR A 189 0.64 -11.25 -4.66
N TYR A 190 1.47 -12.19 -5.07
CA TYR A 190 2.64 -12.59 -4.30
C TYR A 190 3.92 -12.28 -5.08
N ILE A 191 4.79 -11.49 -4.46
CA ILE A 191 6.12 -11.22 -5.02
C ILE A 191 7.13 -12.05 -4.23
N ASP A 192 7.81 -12.97 -4.92
CA ASP A 192 8.75 -13.87 -4.25
C ASP A 192 10.16 -13.28 -4.12
N GLU A 193 11.08 -14.06 -3.54
CA GLU A 193 12.46 -13.61 -3.32
C GLU A 193 13.19 -13.26 -4.63
N LYS A 194 12.84 -13.96 -5.70
CA LYS A 194 13.43 -13.71 -7.02
C LYS A 194 12.77 -12.54 -7.74
N ARG A 195 11.84 -11.87 -7.05
CA ARG A 195 11.11 -10.69 -7.56
C ARG A 195 10.09 -11.02 -8.67
N ASP A 196 9.83 -12.31 -8.87
CA ASP A 196 8.78 -12.74 -9.78
C ASP A 196 7.42 -12.53 -9.12
N PHE A 197 6.47 -11.96 -9.87
CA PHE A 197 5.12 -11.75 -9.35
C PHE A 197 4.16 -12.80 -9.88
N ARG A 198 3.19 -13.16 -9.04
CA ARG A 198 2.13 -14.09 -9.41
C ARG A 198 0.83 -13.61 -8.77
N THR A 199 -0.24 -13.54 -9.55
CA THR A 199 -1.53 -13.09 -9.04
C THR A 199 -2.52 -14.25 -9.06
N TYR A 200 -3.14 -14.49 -7.90
CA TYR A 200 -4.02 -15.63 -7.69
C TYR A 200 -5.44 -15.20 -7.36
N ARG A 201 -6.41 -15.95 -7.86
CA ARG A 201 -7.80 -15.77 -7.48
C ARG A 201 -8.02 -16.53 -6.18
N LEU A 202 -8.52 -15.83 -5.16
CA LEU A 202 -8.67 -16.42 -3.82
C LEU A 202 -9.61 -17.62 -3.81
N SER A 203 -10.64 -17.58 -4.65
CA SER A 203 -11.60 -18.68 -4.74
C SER A 203 -10.95 -19.96 -5.28
N LEU A 204 -10.00 -19.80 -6.21
CA LEU A 204 -9.26 -20.92 -6.77
C LEU A 204 -8.25 -21.49 -5.75
N LEU A 205 -7.75 -20.63 -4.88
CA LEU A 205 -6.90 -21.06 -3.78
C LEU A 205 -7.71 -21.81 -2.73
N GLU A 206 -8.93 -21.33 -2.49
CA GLU A 206 -9.84 -21.94 -1.52
C GLU A 206 -10.28 -23.34 -1.97
N GLU A 207 -10.55 -23.47 -3.26
CA GLU A 207 -11.07 -24.71 -3.84
C GLU A 207 -10.00 -25.78 -4.04
N TYR A 208 -8.78 -25.36 -4.39
CA TYR A 208 -7.72 -26.28 -4.80
C TYR A 208 -6.50 -26.29 -3.88
N GLY A 209 -6.30 -25.23 -3.11
CA GLY A 209 -5.14 -25.10 -2.22
C GLY A 209 -3.92 -24.55 -2.92
N CYS A 210 -2.92 -24.16 -2.14
CA CYS A 210 -1.67 -23.61 -2.69
C CYS A 210 -0.42 -24.20 -2.02
N CYS A 211 0.74 -23.84 -2.56
CA CYS A 211 2.03 -24.25 -2.00
C CYS A 211 2.23 -23.72 -0.59
N LYS A 212 3.10 -24.38 0.17
CA LYS A 212 3.42 -23.97 1.54
C LYS A 212 4.06 -22.57 1.59
N GLU A 213 4.80 -22.23 0.53
CA GLU A 213 5.41 -20.91 0.40
C GLU A 213 4.36 -19.79 0.51
N LEU A 214 3.29 -19.92 -0.28
CA LEU A 214 2.20 -18.96 -0.24
C LEU A 214 1.29 -19.15 0.97
N ALA A 215 1.02 -20.42 1.31
CA ALA A 215 0.14 -20.75 2.42
C ALA A 215 0.60 -20.16 3.76
N SER A 216 1.90 -20.27 4.04
CA SER A 216 2.49 -19.77 5.28
C SER A 216 2.37 -18.25 5.40
N ARG A 217 2.54 -17.55 4.29
CA ARG A 217 2.45 -16.09 4.27
C ARG A 217 1.00 -15.62 4.34
N LEU A 218 0.09 -16.39 3.76
CA LEU A 218 -1.34 -16.10 3.84
C LEU A 218 -1.86 -16.31 5.27
N ARG A 219 -1.29 -17.28 5.99
CA ARG A 219 -1.63 -17.50 7.40
C ARG A 219 -1.26 -16.29 8.24
N TYR A 220 -0.06 -15.76 8.00
CA TYR A 220 0.39 -14.55 8.69
C TYR A 220 -0.48 -13.35 8.30
N ALA A 221 -0.83 -13.27 7.03
CA ALA A 221 -1.72 -12.22 6.51
C ALA A 221 -3.06 -12.22 7.22
N ARG A 222 -3.61 -13.41 7.47
CA ARG A 222 -4.86 -13.56 8.22
C ARG A 222 -4.79 -12.86 9.57
N THR A 223 -3.70 -13.10 10.29
CA THR A 223 -3.46 -12.48 11.59
C THR A 223 -3.33 -10.95 11.46
N MET A 224 -2.64 -10.50 10.42
CA MET A 224 -2.44 -9.06 10.20
C MET A 224 -3.72 -8.33 9.84
N VAL A 225 -4.55 -8.94 8.99
CA VAL A 225 -5.83 -8.36 8.60
C VAL A 225 -6.80 -8.33 9.79
N ASP A 226 -6.77 -9.39 10.60
CA ASP A 226 -7.56 -9.46 11.82
C ASP A 226 -7.18 -8.31 12.76
N LYS A 227 -5.88 -8.11 12.93
CA LYS A 227 -5.34 -6.99 13.69
C LYS A 227 -5.83 -5.64 13.16
N LEU A 228 -5.77 -5.47 11.85
CA LEU A 228 -6.24 -4.24 11.19
C LEU A 228 -7.70 -3.94 11.47
N LEU A 229 -8.54 -4.96 11.33
CA LEU A 229 -9.99 -4.82 11.44
C LEU A 229 -10.46 -4.61 12.88
N SER A 230 -9.80 -5.28 13.82
CA SER A 230 -10.17 -5.21 15.23
C SER A 230 -9.47 -4.06 15.93
N SER A 231 -8.25 -3.75 15.46
CA SER A 231 -7.44 -2.59 15.90
C SER A 231 -7.20 -2.47 17.40
C ACE B 1 13.84 -1.71 11.14
O ACE B 1 14.36 -0.74 11.69
CH3 ACE B 1 13.28 -2.84 11.96
N PRO B 2 13.89 -1.90 9.81
CA PRO B 2 14.35 -0.86 8.90
C PRO B 2 13.43 0.36 8.86
N LEU B 3 14.03 1.52 8.62
CA LEU B 3 13.29 2.78 8.56
C LEU B 3 12.96 3.18 7.11
N HIS B 4 13.28 2.31 6.17
CA HIS B 4 12.93 2.49 4.75
C HIS B 4 12.80 1.15 4.04
N SER B 5 12.14 1.16 2.89
CA SER B 5 12.04 -0.02 2.04
C SER B 5 13.41 -0.36 1.41
N TPO B 6 13.48 -1.49 0.72
CA TPO B 6 14.74 -1.99 0.15
CB TPO B 6 14.46 -3.28 -0.61
CG2 TPO B 6 15.74 -3.94 -1.13
OG1 TPO B 6 13.79 -4.20 0.27
P TPO B 6 12.26 -4.65 0.03
O1P TPO B 6 12.25 -5.20 -1.37
O2P TPO B 6 11.46 -3.38 0.21
O3P TPO B 6 12.05 -5.68 1.11
C TPO B 6 15.46 -0.97 -0.68
O TPO B 6 14.89 -0.37 -1.59
N ALA B 7 16.73 -0.76 -0.36
CA ALA B 7 17.58 0.18 -1.08
C ALA B 7 18.09 -0.43 -2.38
N NH2 B 8 18.27 0.34 -3.37
C1 GOL C . 5.12 16.59 10.54
O1 GOL C . 5.71 16.64 11.82
C2 GOL C . 3.98 17.60 10.47
O2 GOL C . 4.50 18.90 10.67
C3 GOL C . 2.90 17.30 11.51
O3 GOL C . 2.74 15.91 11.69
#